data_5SAL
#
_entry.id   5SAL
#
_cell.length_a   45.340
_cell.length_b   73.500
_cell.length_c   53.120
_cell.angle_alpha   90.000
_cell.angle_beta   110.214
_cell.angle_gamma   90.000
#
_symmetry.space_group_name_H-M   'P 1 21 1'
#
loop_
_entity.id
_entity.type
_entity.pdbx_description
1 polymer Endothiapepsin
2 non-polymer (1Z)-1-imino-1H-isoindol-3-amine
3 non-polymer 'DIMETHYL SULFOXIDE'
4 water water
#
_entity_poly.entity_id   1
_entity_poly.type   'polypeptide(L)'
_entity_poly.pdbx_seq_one_letter_code
;MSSPLKNALVTAMLAGGALSSPTKQHVGIPVNASPEVGPGKYSFKQVRNPNYKFNGPLSVKKTYLKYGVPIPAWLEDAVQ
NSTSGLAERSTGSATTTPIDSLDDAYITPVQIGTPAQTLNLDFDTGSSDLWVFSSETTASEVDGQTIYTPSKSTTAKLLS
GATWSISYGDGSSSSGDVYTDTVSVGGLTVTGQAVESAKKVSSSFTEDSTIDGLLGLAFSTLNTVSPTQQKTFFDNAKAS
LDSPVFTADLGYHAPGTYNFGFIDTTAYTGSITYTAVSTKQGFWEWTSTGYAVGSGTFKSTSIDGIADTGTTLLYLPATV
VSAYWAQVSGAKSSSSVGGYVFPCSATLPSFTFGVGSARIVIPGDYIDFGPISTGSSSCFGGIQSSAGIGINIFGDVALK
AAFVVFNGATTPTLGFASK
;
_entity_poly.pdbx_strand_id   A
#
loop_
_chem_comp.id
_chem_comp.type
_chem_comp.name
_chem_comp.formula
DMS non-polymer 'DIMETHYL SULFOXIDE' 'C2 H6 O S'
ZS1 non-polymer (1Z)-1-imino-1H-isoindol-3-amine 'C8 H7 N3'
#
# COMPACT_ATOMS: atom_id res chain seq x y z
N SER A 90 17.39 8.82 -14.58
CA SER A 90 16.29 7.94 -15.04
C SER A 90 15.00 8.27 -14.31
N THR A 91 13.91 7.86 -14.96
CA THR A 91 12.58 7.96 -14.41
C THR A 91 11.78 6.75 -14.88
N GLY A 92 10.67 6.51 -14.21
CA GLY A 92 9.68 5.56 -14.69
C GLY A 92 8.29 6.02 -14.30
N SER A 93 7.30 5.55 -15.05
CA SER A 93 5.90 5.92 -14.80
C SER A 93 5.03 4.74 -15.19
N ALA A 94 4.20 4.26 -14.27
CA ALA A 94 3.31 3.14 -14.55
C ALA A 94 1.93 3.42 -13.99
N THR A 95 0.91 2.95 -14.70
CA THR A 95 -0.46 3.08 -14.23
C THR A 95 -0.78 1.99 -13.23
N THR A 96 -1.47 2.37 -12.15
CA THR A 96 -1.93 1.44 -11.13
C THR A 96 -3.45 1.42 -11.13
N THR A 97 -4.03 0.23 -11.02
CA THR A 97 -5.45 0.00 -11.28
C THR A 97 -6.07 -0.75 -10.11
N PRO A 98 -7.25 -0.32 -9.64
CA PRO A 98 -7.97 -1.09 -8.61
CA PRO A 98 -7.92 -1.10 -8.58
C PRO A 98 -8.21 -2.52 -9.05
N ILE A 99 -8.08 -3.47 -8.12
CA ILE A 99 -8.34 -4.87 -8.47
C ILE A 99 -9.82 -5.19 -8.58
N ASP A 100 -10.69 -4.35 -8.02
CA ASP A 100 -12.12 -4.63 -7.96
C ASP A 100 -12.84 -3.30 -7.78
N SER A 101 -14.16 -3.37 -7.70
CA SER A 101 -14.98 -2.18 -7.68
C SER A 101 -14.96 -1.45 -6.35
N LEU A 102 -14.31 -2.01 -5.33
CA LEU A 102 -14.21 -1.41 -4.01
C LEU A 102 -12.85 -0.82 -3.74
N ASP A 103 -11.90 -0.91 -4.68
CA ASP A 103 -10.53 -0.47 -4.44
C ASP A 103 -9.90 -1.27 -3.31
N ASP A 104 -10.12 -2.59 -3.29
CA ASP A 104 -9.55 -3.38 -2.20
C ASP A 104 -8.03 -3.42 -2.26
N ALA A 105 -7.44 -3.22 -3.42
CA ALA A 105 -6.00 -3.15 -3.61
C ALA A 105 -5.79 -2.62 -5.02
N TYR A 106 -4.52 -2.32 -5.33
CA TYR A 106 -4.14 -1.76 -6.62
C TYR A 106 -3.02 -2.61 -7.20
N ILE A 107 -3.08 -2.84 -8.52
CA ILE A 107 -2.06 -3.60 -9.23
C ILE A 107 -1.42 -2.75 -10.30
N THR A 108 -0.13 -2.99 -10.50
CA THR A 108 0.70 -2.23 -11.41
C THR A 108 1.52 -3.23 -12.23
N PRO A 109 1.57 -3.12 -13.56
CA PRO A 109 2.32 -4.10 -14.35
C PRO A 109 3.81 -3.88 -14.18
N VAL A 110 4.53 -4.99 -14.06
CA VAL A 110 5.97 -5.03 -13.86
C VAL A 110 6.58 -6.04 -14.82
N GLN A 111 7.64 -5.65 -15.52
CA GLN A 111 8.34 -6.54 -16.44
C GLN A 111 9.50 -7.19 -15.72
N ILE A 112 9.57 -8.52 -15.79
CA ILE A 112 10.62 -9.28 -15.12
C ILE A 112 11.27 -10.21 -16.15
N GLY A 113 12.59 -10.21 -16.20
CA GLY A 113 13.30 -11.18 -17.00
C GLY A 113 13.48 -10.80 -18.46
N THR A 114 14.10 -11.73 -19.19
CA THR A 114 14.43 -11.56 -20.60
C THR A 114 14.13 -12.86 -21.33
N PRO A 115 13.21 -12.88 -22.30
CA PRO A 115 12.30 -11.78 -22.65
C PRO A 115 11.42 -11.43 -21.47
N ALA A 116 10.81 -10.25 -21.53
CA ALA A 116 10.00 -9.78 -20.41
C ALA A 116 8.85 -10.73 -20.13
N GLN A 117 8.61 -10.93 -18.85
CA GLN A 117 7.41 -11.56 -18.33
C GLN A 117 6.70 -10.49 -17.52
N THR A 118 5.49 -10.14 -17.90
CA THR A 118 4.75 -9.08 -17.23
C THR A 118 3.81 -9.66 -16.19
N LEU A 119 4.00 -9.26 -14.93
CA LEU A 119 3.14 -9.65 -13.82
C LEU A 119 2.55 -8.39 -13.22
N ASN A 120 1.36 -8.53 -12.66
CA ASN A 120 0.65 -7.41 -12.04
C ASN A 120 0.87 -7.48 -10.54
N LEU A 121 1.67 -6.56 -10.02
CA LEU A 121 2.11 -6.62 -8.64
C LEU A 121 1.43 -5.53 -7.81
N ASP A 122 1.28 -5.84 -6.52
CA ASP A 122 0.74 -4.92 -5.52
C ASP A 122 1.91 -4.13 -4.94
N PHE A 123 2.03 -2.85 -5.30
CA PHE A 123 3.11 -2.01 -4.79
C PHE A 123 2.78 -1.66 -3.34
N ASP A 124 3.68 -2.01 -2.43
CA ASP A 124 3.38 -2.03 -1.00
C ASP A 124 4.42 -1.23 -0.23
N THR A 125 4.09 0.02 0.12
CA THR A 125 5.03 0.82 0.89
C THR A 125 5.11 0.40 2.35
N GLY A 126 4.38 -0.65 2.74
CA GLY A 126 4.49 -1.25 4.05
C GLY A 126 5.31 -2.52 4.15
N SER A 127 5.98 -2.93 3.09
CA SER A 127 6.86 -4.11 3.14
C SER A 127 7.99 -3.93 2.14
N SER A 128 8.93 -4.87 2.13
CA SER A 128 10.21 -4.64 1.47
C SER A 128 10.70 -5.85 0.68
N ASP A 129 9.78 -6.74 0.30
CA ASP A 129 10.09 -7.91 -0.53
C ASP A 129 9.38 -7.77 -1.87
N LEU A 130 10.07 -8.10 -2.96
CA LEU A 130 9.48 -8.22 -4.29
C LEU A 130 9.34 -9.72 -4.49
N TRP A 131 8.10 -10.22 -4.36
CA TRP A 131 7.86 -11.65 -4.48
C TRP A 131 6.75 -11.89 -5.50
N VAL A 132 6.83 -13.05 -6.15
CA VAL A 132 5.93 -13.37 -7.26
C VAL A 132 5.47 -14.82 -7.20
N PHE A 133 4.24 -15.04 -7.65
CA PHE A 133 3.81 -16.37 -8.06
C PHE A 133 4.75 -16.84 -9.17
N SER A 134 5.04 -18.13 -9.18
CA SER A 134 6.11 -18.61 -10.05
C SER A 134 5.82 -20.03 -10.50
N SER A 135 6.63 -20.48 -11.46
CA SER A 135 6.59 -21.87 -11.89
C SER A 135 6.93 -22.83 -10.75
N GLU A 136 7.48 -22.31 -9.65
CA GLU A 136 7.83 -23.11 -8.50
C GLU A 136 6.76 -23.09 -7.41
N THR A 137 5.69 -22.34 -7.59
CA THR A 137 4.64 -22.30 -6.60
C THR A 137 3.87 -23.62 -6.65
N THR A 138 3.67 -24.23 -5.48
CA THR A 138 2.87 -25.45 -5.35
C THR A 138 1.62 -25.34 -6.20
N ALA A 139 1.41 -26.34 -7.06
CA ALA A 139 0.40 -26.22 -8.10
C ALA A 139 -0.99 -25.97 -7.54
N SER A 140 -1.34 -26.64 -6.45
CA SER A 140 -2.66 -26.48 -5.86
C SER A 140 -2.89 -25.10 -5.27
N GLU A 141 -1.85 -24.29 -5.15
CA GLU A 141 -1.94 -22.96 -4.56
C GLU A 141 -1.95 -21.86 -5.62
N VAL A 142 -1.98 -22.23 -6.89
CA VAL A 142 -2.12 -21.30 -8.00
C VAL A 142 -3.50 -21.46 -8.60
N ASP A 143 -4.23 -20.34 -8.74
CA ASP A 143 -5.59 -20.33 -9.24
C ASP A 143 -5.83 -19.04 -10.02
N GLY A 144 -5.25 -18.96 -11.21
CA GLY A 144 -5.50 -17.88 -12.14
C GLY A 144 -4.44 -16.80 -12.21
N GLN A 145 -3.48 -16.79 -11.27
CA GLN A 145 -2.43 -15.79 -11.30
C GLN A 145 -1.49 -16.03 -12.47
N THR A 146 -0.85 -14.96 -12.92
CA THR A 146 0.23 -15.07 -13.88
C THR A 146 1.52 -15.38 -13.13
N ILE A 147 2.29 -16.32 -13.64
CA ILE A 147 3.48 -16.79 -12.95
C ILE A 147 4.75 -16.32 -13.67
N TYR A 148 5.79 -16.10 -12.86
CA TYR A 148 7.16 -15.92 -13.34
C TYR A 148 7.82 -17.28 -13.48
N THR A 149 8.41 -17.52 -14.64
CA THR A 149 9.13 -18.77 -14.90
C THR A 149 10.60 -18.44 -15.10
N PRO A 150 11.42 -18.52 -14.05
CA PRO A 150 12.83 -18.13 -14.18
C PRO A 150 13.58 -18.92 -15.24
N SER A 151 13.23 -20.19 -15.44
CA SER A 151 13.97 -21.00 -16.40
C SER A 151 13.82 -20.47 -17.82
N LYS A 152 12.83 -19.63 -18.10
N LYS A 152 12.83 -19.62 -18.09
CA LYS A 152 12.64 -19.06 -19.42
CA LYS A 152 12.60 -19.04 -19.40
C LYS A 152 13.21 -17.64 -19.52
C LYS A 152 13.24 -17.66 -19.54
N SER A 153 13.89 -17.17 -18.49
CA SER A 153 14.54 -15.87 -18.49
C SER A 153 16.05 -16.06 -18.59
N THR A 154 16.63 -15.52 -19.67
CA THR A 154 18.06 -15.71 -19.88
C THR A 154 18.90 -14.87 -18.93
N THR A 155 18.30 -13.91 -18.22
CA THR A 155 19.01 -13.09 -17.24
C THR A 155 18.76 -13.53 -15.80
N ALA A 156 17.92 -14.53 -15.56
CA ALA A 156 17.67 -15.01 -14.22
C ALA A 156 18.82 -15.86 -13.71
N LYS A 157 19.17 -15.66 -12.45
CA LYS A 157 20.16 -16.46 -11.77
C LYS A 157 19.65 -16.82 -10.39
N LEU A 158 19.66 -18.10 -10.06
CA LEU A 158 19.30 -18.50 -8.71
C LEU A 158 20.29 -17.91 -7.72
N LEU A 159 19.79 -17.33 -6.65
CA LEU A 159 20.63 -16.82 -5.57
C LEU A 159 20.86 -17.96 -4.59
N SER A 160 22.06 -18.50 -4.57
CA SER A 160 22.32 -19.79 -3.93
CA SER A 160 22.34 -19.78 -3.94
C SER A 160 22.05 -19.74 -2.44
N GLY A 161 21.20 -20.66 -1.98
CA GLY A 161 20.92 -20.81 -0.57
C GLY A 161 19.98 -19.78 0.03
N ALA A 162 19.49 -18.84 -0.77
CA ALA A 162 18.67 -17.77 -0.23
C ALA A 162 17.20 -18.18 -0.21
N THR A 163 16.54 -17.90 0.90
CA THR A 163 15.12 -18.14 1.06
C THR A 163 14.48 -16.90 1.64
N TRP A 164 13.14 -16.87 1.61
CA TRP A 164 12.38 -15.76 2.16
C TRP A 164 11.07 -16.32 2.70
N SER A 165 10.48 -15.55 3.63
CA SER A 165 9.23 -15.95 4.26
C SER A 165 8.65 -14.70 4.90
N ILE A 166 7.41 -14.41 4.58
CA ILE A 166 6.79 -13.20 5.09
C ILE A 166 5.39 -13.53 5.58
N SER A 167 4.99 -12.84 6.63
N SER A 167 4.96 -12.78 6.58
CA SER A 167 3.63 -12.87 7.15
CA SER A 167 3.61 -12.89 7.12
C SER A 167 3.16 -11.43 7.26
C SER A 167 3.10 -11.49 7.37
N TYR A 168 1.96 -11.16 6.79
CA TYR A 168 1.46 -9.79 6.72
C TYR A 168 0.43 -9.54 7.82
N GLY A 169 0.10 -8.27 8.01
CA GLY A 169 -0.79 -7.86 9.07
C GLY A 169 -2.18 -8.46 8.98
N ASP A 170 -2.61 -8.85 7.77
CA ASP A 170 -3.92 -9.44 7.56
C ASP A 170 -3.95 -10.95 7.80
N GLY A 171 -2.84 -11.55 8.22
CA GLY A 171 -2.80 -12.97 8.49
C GLY A 171 -2.30 -13.83 7.34
N SER A 172 -2.06 -13.24 6.17
CA SER A 172 -1.61 -13.98 5.01
C SER A 172 -0.09 -14.12 5.02
N SER A 173 0.41 -15.04 4.19
CA SER A 173 1.83 -15.37 4.20
C SER A 173 2.24 -16.03 2.90
N SER A 174 3.55 -16.08 2.68
CA SER A 174 4.13 -16.72 1.51
C SER A 174 5.62 -16.90 1.77
N SER A 175 6.25 -17.80 1.00
CA SER A 175 7.67 -18.09 1.18
C SER A 175 8.22 -18.77 -0.07
N GLY A 176 9.55 -18.78 -0.19
CA GLY A 176 10.17 -19.49 -1.29
C GLY A 176 11.65 -19.25 -1.43
N ASP A 177 12.11 -19.29 -2.68
CA ASP A 177 13.50 -19.14 -3.10
C ASP A 177 13.68 -17.79 -3.78
N VAL A 178 14.90 -17.52 -4.24
CA VAL A 178 15.25 -16.18 -4.71
C VAL A 178 16.09 -16.28 -5.97
N TYR A 179 15.74 -15.49 -6.97
CA TYR A 179 16.52 -15.27 -8.17
C TYR A 179 16.93 -13.82 -8.19
N THR A 180 17.99 -13.51 -8.94
CA THR A 180 18.20 -12.13 -9.38
C THR A 180 17.84 -12.05 -10.85
N ASP A 181 17.25 -10.94 -11.24
CA ASP A 181 16.83 -10.77 -12.64
C ASP A 181 16.64 -9.28 -12.90
N THR A 182 16.42 -8.97 -14.16
CA THR A 182 16.13 -7.60 -14.58
C THR A 182 14.66 -7.31 -14.36
N VAL A 183 14.38 -6.17 -13.73
CA VAL A 183 13.02 -5.75 -13.41
C VAL A 183 12.82 -4.34 -13.91
N SER A 184 11.73 -4.10 -14.62
CA SER A 184 11.41 -2.78 -15.13
C SER A 184 10.00 -2.38 -14.72
N VAL A 185 9.87 -1.12 -14.34
CA VAL A 185 8.58 -0.52 -13.98
C VAL A 185 8.44 0.73 -14.82
N GLY A 186 7.47 0.73 -15.72
CA GLY A 186 7.14 1.95 -16.40
C GLY A 186 8.32 2.55 -17.11
N GLY A 187 9.23 1.72 -17.65
CA GLY A 187 10.40 2.19 -18.36
C GLY A 187 11.67 2.34 -17.54
N LEU A 188 11.62 2.21 -16.21
CA LEU A 188 12.79 2.27 -15.34
C LEU A 188 13.27 0.85 -15.06
N THR A 189 14.54 0.58 -15.33
CA THR A 189 15.07 -0.77 -15.25
C THR A 189 16.13 -0.88 -14.17
N VAL A 190 16.03 -1.95 -13.37
CA VAL A 190 17.05 -2.34 -12.41
C VAL A 190 17.56 -3.71 -12.82
N THR A 191 18.86 -3.84 -12.99
CA THR A 191 19.47 -5.16 -13.20
C THR A 191 19.90 -5.72 -11.86
N GLY A 192 19.83 -7.05 -11.75
CA GLY A 192 20.25 -7.69 -10.52
C GLY A 192 19.29 -7.54 -9.36
N GLN A 193 18.01 -7.25 -9.63
CA GLN A 193 17.03 -7.14 -8.57
C GLN A 193 16.71 -8.52 -8.01
N ALA A 194 16.61 -8.62 -6.68
CA ALA A 194 16.14 -9.86 -6.08
C ALA A 194 14.65 -10.04 -6.35
N VAL A 195 14.33 -11.13 -7.02
CA VAL A 195 12.97 -11.54 -7.34
C VAL A 195 12.70 -12.80 -6.53
N GLU A 196 11.81 -12.69 -5.55
CA GLU A 196 11.56 -13.76 -4.59
C GLU A 196 10.44 -14.63 -5.15
N SER A 197 10.77 -15.86 -5.50
CA SER A 197 9.84 -16.77 -6.14
C SER A 197 9.09 -17.57 -5.08
N ALA A 198 7.77 -17.52 -5.12
CA ALA A 198 6.98 -18.23 -4.13
C ALA A 198 6.98 -19.73 -4.41
N LYS A 199 7.32 -20.51 -3.41
CA LYS A 199 7.08 -21.94 -3.42
C LYS A 199 5.77 -22.29 -2.71
N LYS A 200 5.38 -21.47 -1.73
CA LYS A 200 4.16 -21.65 -0.97
C LYS A 200 3.50 -20.29 -0.80
N VAL A 201 2.16 -20.27 -0.90
CA VAL A 201 1.37 -19.08 -0.56
C VAL A 201 0.15 -19.52 0.23
N SER A 202 -0.35 -18.64 1.09
CA SER A 202 -1.52 -18.94 1.89
C SER A 202 -2.80 -18.73 1.09
N SER A 203 -3.91 -19.20 1.66
CA SER A 203 -5.14 -19.34 0.90
C SER A 203 -5.65 -18.01 0.36
N SER A 204 -5.47 -16.93 1.12
N SER A 204 -5.47 -16.93 1.12
CA SER A 204 -5.97 -15.64 0.65
CA SER A 204 -5.96 -15.63 0.67
C SER A 204 -5.29 -15.22 -0.65
C SER A 204 -5.28 -15.21 -0.64
N PHE A 205 -3.99 -15.51 -0.78
CA PHE A 205 -3.31 -15.21 -2.03
C PHE A 205 -3.83 -16.08 -3.16
N THR A 206 -3.94 -17.40 -2.93
CA THR A 206 -4.49 -18.30 -3.93
C THR A 206 -5.86 -17.84 -4.41
N GLU A 207 -6.70 -17.41 -3.47
CA GLU A 207 -8.09 -17.06 -3.75
C GLU A 207 -8.24 -15.74 -4.50
N ASP A 208 -7.18 -14.96 -4.61
CA ASP A 208 -7.20 -13.67 -5.31
C ASP A 208 -6.41 -13.80 -6.61
N SER A 209 -7.13 -14.02 -7.71
N SER A 209 -7.13 -14.03 -7.71
CA SER A 209 -6.46 -14.23 -8.99
CA SER A 209 -6.46 -14.23 -8.99
C SER A 209 -5.89 -12.96 -9.58
C SER A 209 -5.87 -12.95 -9.57
N THR A 210 -6.17 -11.79 -8.99
CA THR A 210 -5.77 -10.51 -9.59
C THR A 210 -4.38 -10.03 -9.19
N ILE A 211 -3.80 -10.59 -8.14
CA ILE A 211 -2.52 -10.14 -7.61
C ILE A 211 -1.49 -11.24 -7.85
N ASP A 212 -0.49 -10.95 -8.68
CA ASP A 212 0.55 -11.90 -9.06
C ASP A 212 1.75 -11.84 -8.12
N GLY A 213 1.74 -10.95 -7.14
CA GLY A 213 2.83 -10.80 -6.21
C GLY A 213 2.84 -9.39 -5.66
N LEU A 214 3.89 -9.11 -4.90
N LEU A 214 3.87 -9.10 -4.87
CA LEU A 214 4.09 -7.86 -4.19
CA LEU A 214 4.03 -7.81 -4.24
C LEU A 214 5.38 -7.20 -4.68
C LEU A 214 5.37 -7.20 -4.61
N LEU A 215 5.41 -5.87 -4.68
CA LEU A 215 6.63 -5.12 -4.88
C LEU A 215 6.78 -4.17 -3.69
N GLY A 216 7.67 -4.53 -2.77
CA GLY A 216 7.81 -3.77 -1.54
C GLY A 216 8.60 -2.49 -1.75
N LEU A 217 8.11 -1.43 -1.10
CA LEU A 217 8.65 -0.09 -1.22
C LEU A 217 8.87 0.57 0.13
N ALA A 218 8.83 -0.19 1.23
CA ALA A 218 9.34 0.26 2.52
C ALA A 218 10.86 0.19 2.50
N PHE A 219 11.50 0.35 3.66
CA PHE A 219 12.95 0.39 3.69
C PHE A 219 13.54 -1.02 3.68
N SER A 220 14.71 -1.15 3.06
CA SER A 220 15.27 -2.48 2.82
C SER A 220 15.59 -3.23 4.10
N THR A 221 15.68 -2.54 5.24
CA THR A 221 15.88 -3.20 6.52
C THR A 221 14.78 -4.20 6.87
N LEU A 222 13.59 -4.08 6.25
CA LEU A 222 12.53 -5.05 6.49
C LEU A 222 12.58 -6.25 5.54
N ASN A 223 13.49 -6.28 4.57
CA ASN A 223 13.49 -7.38 3.62
C ASN A 223 13.77 -8.70 4.33
N THR A 224 13.04 -9.75 3.95
CA THR A 224 13.11 -11.00 4.69
C THR A 224 14.10 -12.02 4.14
N VAL A 225 14.81 -11.74 3.04
CA VAL A 225 15.66 -12.77 2.47
C VAL A 225 16.76 -13.14 3.46
N SER A 226 17.01 -14.43 3.58
CA SER A 226 18.02 -14.96 4.48
C SER A 226 18.84 -15.99 3.71
N PRO A 227 20.14 -16.09 4.00
CA PRO A 227 20.88 -15.42 5.06
C PRO A 227 21.43 -14.05 4.67
N THR A 228 21.21 -13.60 3.43
CA THR A 228 21.75 -12.34 2.93
C THR A 228 20.58 -11.46 2.53
N GLN A 229 20.30 -10.44 3.34
N GLN A 229 20.30 -10.44 3.32
CA GLN A 229 19.20 -9.52 3.07
CA GLN A 229 19.18 -9.55 3.08
C GLN A 229 19.39 -8.85 1.71
C GLN A 229 19.38 -8.79 1.77
N GLN A 230 18.27 -8.57 1.06
CA GLN A 230 18.26 -7.95 -0.26
C GLN A 230 17.56 -6.59 -0.22
N LYS A 231 17.82 -5.79 -1.24
CA LYS A 231 17.36 -4.42 -1.32
C LYS A 231 16.11 -4.31 -2.18
N THR A 232 15.27 -3.32 -1.88
CA THR A 232 14.08 -3.12 -2.67
C THR A 232 14.42 -2.56 -4.06
N PHE A 233 13.41 -2.62 -4.92
CA PHE A 233 13.52 -2.03 -6.26
C PHE A 233 13.87 -0.55 -6.18
N PHE A 234 13.21 0.18 -5.29
CA PHE A 234 13.49 1.61 -5.16
C PHE A 234 14.89 1.86 -4.64
N ASP A 235 15.33 1.11 -3.62
CA ASP A 235 16.69 1.26 -3.10
C ASP A 235 17.71 1.01 -4.20
N ASN A 236 17.53 -0.05 -4.99
CA ASN A 236 18.44 -0.35 -6.07
C ASN A 236 18.43 0.70 -7.17
N ALA A 237 17.28 1.34 -7.40
CA ALA A 237 17.15 2.33 -8.48
C ALA A 237 17.61 3.72 -8.06
N LYS A 238 17.64 4.01 -6.76
CA LYS A 238 17.70 5.40 -6.31
C LYS A 238 18.84 6.22 -6.91
N ALA A 239 20.05 5.65 -6.97
CA ALA A 239 21.18 6.45 -7.44
C ALA A 239 21.08 6.78 -8.92
N SER A 240 20.31 6.02 -9.69
N SER A 240 20.31 5.99 -9.68
CA SER A 240 20.17 6.29 -11.11
CA SER A 240 20.14 6.25 -11.10
C SER A 240 19.00 7.21 -11.42
C SER A 240 19.05 7.27 -11.39
N LEU A 241 18.18 7.55 -10.42
CA LEU A 241 17.03 8.40 -10.66
C LEU A 241 17.40 9.88 -10.74
N ASP A 242 16.59 10.64 -11.48
CA ASP A 242 16.81 12.08 -11.53
C ASP A 242 16.73 12.70 -10.13
N SER A 243 15.80 12.23 -9.31
CA SER A 243 15.61 12.64 -7.93
C SER A 243 15.24 11.36 -7.18
N PRO A 244 15.75 11.16 -5.96
CA PRO A 244 15.57 9.88 -5.23
C PRO A 244 14.21 9.77 -4.57
N VAL A 245 13.17 9.72 -5.39
CA VAL A 245 11.79 9.78 -4.94
C VAL A 245 10.93 8.84 -5.76
N PHE A 246 9.80 8.46 -5.19
CA PHE A 246 8.70 7.92 -5.96
C PHE A 246 7.42 8.55 -5.43
N THR A 247 6.38 8.55 -6.27
CA THR A 247 5.12 9.16 -5.91
C THR A 247 3.98 8.18 -6.13
N ALA A 248 3.01 8.22 -5.22
CA ALA A 248 1.80 7.44 -5.32
C ALA A 248 0.62 8.38 -5.56
N ASP A 249 -0.11 8.12 -6.65
CA ASP A 249 -1.31 8.88 -7.01
C ASP A 249 -2.41 7.88 -7.28
N LEU A 250 -3.00 7.35 -6.21
CA LEU A 250 -3.99 6.30 -6.33
C LEU A 250 -5.34 6.91 -6.67
N GLY A 251 -6.09 6.24 -7.55
CA GLY A 251 -7.40 6.72 -7.91
C GLY A 251 -8.50 6.15 -7.04
N TYR A 252 -9.63 6.85 -7.04
CA TYR A 252 -10.84 6.40 -6.37
C TYR A 252 -11.71 5.76 -7.44
N HIS A 253 -11.87 4.45 -7.34
CA HIS A 253 -12.64 3.68 -8.30
C HIS A 253 -12.19 4.00 -9.73
N ALA A 254 -10.88 4.17 -9.92
CA ALA A 254 -10.33 4.60 -11.19
C ALA A 254 -8.82 4.36 -11.18
N PRO A 255 -8.17 4.32 -12.34
CA PRO A 255 -6.72 4.18 -12.39
C PRO A 255 -5.98 5.41 -11.84
N GLY A 256 -4.73 5.19 -11.53
CA GLY A 256 -3.82 6.18 -11.00
C GLY A 256 -2.42 5.89 -11.47
N THR A 257 -1.42 6.44 -10.79
CA THR A 257 -0.04 6.42 -11.28
C THR A 257 0.97 6.26 -10.15
N TYR A 258 1.97 5.42 -10.40
CA TYR A 258 3.22 5.44 -9.64
C TYR A 258 4.31 5.99 -10.54
N ASN A 259 4.98 7.04 -10.07
CA ASN A 259 6.13 7.60 -10.76
C ASN A 259 7.39 7.41 -9.93
N PHE A 260 8.52 7.16 -10.61
CA PHE A 260 9.82 7.04 -9.99
C PHE A 260 10.74 8.11 -10.56
N GLY A 261 11.38 8.86 -9.68
CA GLY A 261 12.45 9.75 -10.10
C GLY A 261 12.05 11.16 -10.40
N PHE A 262 10.77 11.51 -10.33
CA PHE A 262 10.33 12.86 -10.65
C PHE A 262 8.97 13.11 -10.03
N ILE A 263 8.65 14.39 -9.85
N ILE A 263 8.71 14.40 -9.81
CA ILE A 263 7.37 14.82 -9.29
CA ILE A 263 7.43 14.94 -9.35
C ILE A 263 6.61 15.55 -10.39
C ILE A 263 6.68 15.47 -10.57
N ASP A 264 5.48 14.96 -10.80
CA ASP A 264 4.60 15.52 -11.84
C ASP A 264 3.81 16.66 -11.22
N THR A 265 4.26 17.89 -11.48
CA THR A 265 3.65 19.05 -10.86
C THR A 265 2.25 19.35 -11.40
N THR A 266 1.79 18.62 -12.42
CA THR A 266 0.42 18.78 -12.89
C THR A 266 -0.55 17.84 -12.19
N ALA A 267 -0.06 16.96 -11.32
CA ALA A 267 -0.87 15.88 -10.76
C ALA A 267 -1.52 16.25 -9.43
N TYR A 268 -1.34 17.47 -8.93
CA TYR A 268 -1.89 17.87 -7.65
C TYR A 268 -2.23 19.35 -7.70
N THR A 269 -2.96 19.80 -6.69
N THR A 269 -2.99 19.80 -6.71
CA THR A 269 -3.32 21.19 -6.56
CA THR A 269 -3.34 21.20 -6.56
C THR A 269 -2.58 21.79 -5.38
C THR A 269 -2.58 21.79 -5.39
N GLY A 270 -2.34 23.10 -5.43
CA GLY A 270 -1.65 23.75 -4.34
C GLY A 270 -0.22 23.26 -4.22
N SER A 271 0.27 23.20 -2.99
N SER A 271 0.27 23.20 -2.99
CA SER A 271 1.65 22.83 -2.73
CA SER A 271 1.65 22.83 -2.74
C SER A 271 1.71 21.44 -2.08
C SER A 271 1.73 21.50 -2.01
N ILE A 272 2.90 20.87 -2.10
CA ILE A 272 3.21 19.65 -1.38
C ILE A 272 3.77 20.04 -0.02
N THR A 273 3.17 19.52 1.04
CA THR A 273 3.66 19.74 2.39
C THR A 273 4.46 18.52 2.81
N TYR A 274 5.72 18.74 3.14
CA TYR A 274 6.62 17.67 3.55
C TYR A 274 6.64 17.57 5.07
N THR A 275 6.81 16.33 5.56
CA THR A 275 6.77 16.02 6.98
C THR A 275 7.81 14.97 7.29
N ALA A 276 8.33 15.00 8.51
CA ALA A 276 9.44 14.13 8.90
C ALA A 276 9.02 12.65 8.92
N VAL A 277 10.00 11.80 8.65
CA VAL A 277 9.85 10.35 8.65
C VAL A 277 10.83 9.74 9.64
N SER A 278 10.36 8.78 10.41
CA SER A 278 11.23 7.88 11.17
C SER A 278 11.34 6.56 10.41
N THR A 279 12.57 6.13 10.15
CA THR A 279 12.82 4.85 9.51
C THR A 279 13.12 3.74 10.51
N LYS A 280 12.98 4.01 11.80
CA LYS A 280 13.47 3.08 12.82
C LYS A 280 12.78 1.74 12.75
N GLN A 281 11.50 1.70 12.38
CA GLN A 281 10.78 0.44 12.27
C GLN A 281 10.72 -0.06 10.83
N GLY A 282 11.44 0.59 9.93
CA GLY A 282 11.50 0.18 8.54
C GLY A 282 10.38 0.71 7.66
N PHE A 283 9.46 1.51 8.22
CA PHE A 283 8.30 2.02 7.51
C PHE A 283 8.47 3.49 7.18
N TRP A 284 7.59 3.98 6.30
CA TRP A 284 7.40 5.40 6.07
C TRP A 284 6.52 5.94 7.19
N GLU A 285 7.12 6.12 8.36
CA GLU A 285 6.42 6.43 9.60
C GLU A 285 6.51 7.92 9.87
N TRP A 286 5.37 8.56 10.13
CA TRP A 286 5.26 10.00 10.25
C TRP A 286 4.23 10.31 11.31
N THR A 287 4.04 11.61 11.59
CA THR A 287 3.10 12.04 12.62
C THR A 287 2.12 13.05 12.03
N SER A 288 0.88 12.64 11.89
CA SER A 288 -0.18 13.56 11.52
C SER A 288 -0.45 14.52 12.67
N THR A 289 -0.85 15.74 12.30
CA THR A 289 -1.10 16.80 13.28
C THR A 289 -2.55 16.85 13.77
N GLY A 290 -3.44 16.02 13.26
CA GLY A 290 -4.77 15.94 13.84
C GLY A 290 -5.81 15.56 12.81
N TYR A 291 -7.08 15.78 13.16
CA TYR A 291 -8.14 15.33 12.29
C TYR A 291 -9.40 16.16 12.50
N ALA A 292 -10.31 16.05 11.53
CA ALA A 292 -11.66 16.55 11.66
C ALA A 292 -12.63 15.56 11.03
N VAL A 293 -13.87 15.58 11.50
CA VAL A 293 -14.94 14.75 10.96
C VAL A 293 -15.93 15.67 10.27
N GLY A 294 -16.15 15.45 8.98
CA GLY A 294 -17.07 16.29 8.21
C GLY A 294 -16.67 17.74 8.33
N SER A 295 -17.66 18.59 8.62
CA SER A 295 -17.45 20.02 8.78
CA SER A 295 -17.45 20.03 8.77
C SER A 295 -17.11 20.40 10.21
N GLY A 296 -16.79 19.42 11.05
CA GLY A 296 -16.51 19.67 12.44
C GLY A 296 -15.17 20.33 12.71
N THR A 297 -14.98 20.69 13.98
N THR A 297 -15.00 20.74 13.96
CA THR A 297 -13.78 21.39 14.42
CA THR A 297 -13.77 21.42 14.35
C THR A 297 -12.57 20.48 14.30
C THR A 297 -12.58 20.50 14.27
N PHE A 298 -11.47 21.02 13.78
CA PHE A 298 -10.23 20.27 13.69
C PHE A 298 -9.65 20.06 15.09
N LYS A 299 -9.29 18.83 15.39
CA LYS A 299 -8.67 18.46 16.65
C LYS A 299 -7.17 18.34 16.44
N SER A 300 -6.41 19.20 17.10
N SER A 300 -6.40 19.16 17.14
CA SER A 300 -4.95 19.11 17.03
CA SER A 300 -4.94 19.13 17.05
C SER A 300 -4.49 18.02 17.99
C SER A 300 -4.42 18.06 17.99
N THR A 301 -3.91 16.96 17.43
CA THR A 301 -3.43 15.85 18.24
C THR A 301 -2.46 15.08 17.37
N SER A 302 -1.36 14.64 17.96
CA SER A 302 -0.33 13.93 17.19
C SER A 302 -0.75 12.48 16.99
N ILE A 303 -0.75 12.03 15.74
CA ILE A 303 -1.11 10.65 15.41
C ILE A 303 0.06 10.05 14.62
N ASP A 304 0.86 9.23 15.29
CA ASP A 304 1.97 8.53 14.63
CA ASP A 304 1.96 8.55 14.62
C ASP A 304 1.41 7.39 13.81
N GLY A 305 1.84 7.27 12.55
CA GLY A 305 1.36 6.16 11.75
C GLY A 305 2.24 5.98 10.53
N ILE A 306 1.88 5.01 9.69
CA ILE A 306 2.67 4.69 8.51
C ILE A 306 1.87 4.96 7.24
N ALA A 307 2.55 5.44 6.20
CA ALA A 307 1.95 5.57 4.88
C ALA A 307 2.12 4.22 4.17
N ASP A 308 1.02 3.50 3.99
CA ASP A 308 1.07 2.10 3.55
C ASP A 308 0.11 1.86 2.38
N THR A 309 0.65 1.86 1.17
CA THR A 309 -0.16 1.61 -0.02
C THR A 309 -0.68 0.18 -0.08
N GLY A 310 -0.10 -0.73 0.67
CA GLY A 310 -0.53 -2.12 0.70
C GLY A 310 -1.59 -2.46 1.71
N THR A 311 -2.05 -1.49 2.49
CA THR A 311 -3.19 -1.66 3.38
C THR A 311 -4.37 -0.91 2.78
N THR A 312 -5.53 -1.56 2.74
CA THR A 312 -6.68 -0.97 2.06
C THR A 312 -7.27 0.21 2.83
N LEU A 313 -7.47 0.03 4.15
CA LEU A 313 -8.26 0.95 4.96
C LEU A 313 -7.39 1.90 5.77
N LEU A 314 -8.06 2.78 6.48
CA LEU A 314 -7.43 3.77 7.36
C LEU A 314 -7.66 3.30 8.80
N TYR A 315 -6.58 2.97 9.48
CA TYR A 315 -6.60 2.44 10.85
C TYR A 315 -6.05 3.50 11.79
N LEU A 316 -6.89 3.97 12.71
CA LEU A 316 -6.59 5.10 13.58
C LEU A 316 -6.98 4.77 15.02
N PRO A 317 -6.56 5.59 15.98
CA PRO A 317 -6.87 5.28 17.38
C PRO A 317 -8.37 5.20 17.63
N ALA A 318 -8.74 4.38 18.62
CA ALA A 318 -10.14 4.13 18.89
C ALA A 318 -10.93 5.41 19.19
N THR A 319 -10.31 6.39 19.87
CA THR A 319 -11.02 7.63 20.15
C THR A 319 -11.42 8.34 18.86
N VAL A 320 -10.49 8.40 17.90
CA VAL A 320 -10.73 9.08 16.63
C VAL A 320 -11.79 8.37 15.83
N VAL A 321 -11.70 7.05 15.78
CA VAL A 321 -12.64 6.25 15.00
C VAL A 321 -14.04 6.33 15.58
N SER A 322 -14.15 6.31 16.92
CA SER A 322 -15.45 6.48 17.56
C SER A 322 -16.06 7.83 17.22
N ALA A 323 -15.25 8.88 17.25
CA ALA A 323 -15.74 10.22 16.91
C ALA A 323 -16.25 10.27 15.48
N TYR A 324 -15.58 9.57 14.54
CA TYR A 324 -16.05 9.55 13.16
C TYR A 324 -17.41 8.85 13.05
N TRP A 325 -17.49 7.60 13.53
CA TRP A 325 -18.70 6.80 13.30
C TRP A 325 -19.89 7.31 14.10
N ALA A 326 -19.65 8.06 15.19
CA ALA A 326 -20.74 8.67 15.94
C ALA A 326 -21.53 9.65 15.09
N GLN A 327 -20.97 10.11 13.98
CA GLN A 327 -21.67 11.03 13.09
C GLN A 327 -22.53 10.33 12.05
N VAL A 328 -22.57 9.00 12.06
CA VAL A 328 -23.28 8.21 11.06
C VAL A 328 -24.40 7.45 11.78
N SER A 329 -25.65 7.82 11.50
CA SER A 329 -26.78 7.20 12.19
CA SER A 329 -26.76 7.20 12.19
C SER A 329 -26.78 5.69 11.93
N GLY A 330 -26.82 4.92 13.02
CA GLY A 330 -26.90 3.48 12.91
C GLY A 330 -25.56 2.79 12.83
N ALA A 331 -24.45 3.52 12.77
CA ALA A 331 -23.15 2.88 12.71
C ALA A 331 -22.78 2.29 14.06
N LYS A 332 -22.10 1.16 14.04
N LYS A 332 -22.12 1.14 14.06
CA LYS A 332 -21.69 0.53 15.28
CA LYS A 332 -21.73 0.49 15.29
C LYS A 332 -20.50 -0.39 15.00
C LYS A 332 -20.54 -0.42 15.00
N SER A 333 -19.78 -0.71 16.05
CA SER A 333 -18.68 -1.66 15.95
C SER A 333 -19.24 -3.05 16.19
N SER A 334 -19.02 -3.94 15.23
CA SER A 334 -19.57 -5.28 15.23
C SER A 334 -18.43 -6.26 15.48
N SER A 335 -18.50 -6.97 16.60
CA SER A 335 -17.49 -7.98 16.88
CA SER A 335 -17.49 -7.98 16.88
C SER A 335 -17.55 -9.12 15.87
N SER A 336 -18.76 -9.50 15.45
CA SER A 336 -18.89 -10.62 14.52
C SER A 336 -18.36 -10.28 13.14
N VAL A 337 -18.50 -9.03 12.71
CA VAL A 337 -17.99 -8.63 11.40
C VAL A 337 -16.52 -8.25 11.48
N GLY A 338 -16.06 -7.77 12.64
CA GLY A 338 -14.68 -7.38 12.81
C GLY A 338 -14.40 -5.92 12.60
N GLY A 339 -15.36 -5.05 12.81
CA GLY A 339 -15.11 -3.63 12.73
C GLY A 339 -16.40 -2.86 12.67
N TYR A 340 -16.24 -1.57 12.42
CA TYR A 340 -17.38 -0.69 12.27
C TYR A 340 -18.11 -0.99 10.97
N VAL A 341 -19.44 -1.06 11.09
CA VAL A 341 -20.37 -1.22 9.99
C VAL A 341 -21.40 -0.11 10.10
N PHE A 342 -22.07 0.14 8.99
CA PHE A 342 -23.02 1.25 8.94
C PHE A 342 -24.10 0.95 7.92
N PRO A 343 -25.25 1.60 8.01
CA PRO A 343 -26.31 1.33 7.04
C PRO A 343 -25.88 1.72 5.64
N CYS A 344 -26.08 0.82 4.69
CA CYS A 344 -25.66 1.10 3.32
C CYS A 344 -26.37 2.30 2.73
N SER A 345 -27.53 2.69 3.28
CA SER A 345 -28.26 3.87 2.83
C SER A 345 -27.64 5.18 3.28
N ALA A 346 -26.61 5.16 4.12
CA ALA A 346 -26.01 6.40 4.60
C ALA A 346 -25.14 7.07 3.55
N THR A 347 -25.11 8.40 3.60
CA THR A 347 -24.08 9.20 2.96
C THR A 347 -23.08 9.60 4.04
N LEU A 348 -21.84 9.23 3.87
CA LEU A 348 -20.85 9.37 4.93
C LEU A 348 -20.23 10.76 4.97
N PRO A 349 -19.86 11.23 6.15
CA PRO A 349 -19.08 12.47 6.25
C PRO A 349 -17.65 12.28 5.78
N SER A 350 -17.05 13.37 5.33
CA SER A 350 -15.64 13.35 5.02
C SER A 350 -14.82 13.17 6.29
N PHE A 351 -13.53 12.89 6.09
CA PHE A 351 -12.56 12.81 7.18
C PHE A 351 -11.31 13.56 6.78
N THR A 352 -10.88 14.50 7.60
CA THR A 352 -9.70 15.32 7.33
C THR A 352 -8.57 14.86 8.22
N PHE A 353 -7.37 14.73 7.66
CA PHE A 353 -6.18 14.54 8.47
C PHE A 353 -5.17 15.64 8.21
N GLY A 354 -4.39 15.96 9.24
CA GLY A 354 -3.41 17.03 9.15
C GLY A 354 -2.03 16.53 8.72
N VAL A 355 -1.39 17.34 7.88
CA VAL A 355 0.00 17.14 7.49
C VAL A 355 0.64 18.50 7.78
N GLY A 356 1.37 18.60 8.88
CA GLY A 356 1.81 19.94 9.30
C GLY A 356 0.60 20.83 9.42
N SER A 357 0.70 22.03 8.87
CA SER A 357 -0.42 22.97 8.86
CA SER A 357 -0.42 22.97 8.86
C SER A 357 -1.41 22.71 7.73
N ALA A 358 -1.11 21.78 6.85
CA ALA A 358 -1.97 21.46 5.73
C ALA A 358 -3.01 20.42 6.13
N ARG A 359 -4.00 20.25 5.26
CA ARG A 359 -5.13 19.38 5.55
C ARG A 359 -5.45 18.58 4.29
N ILE A 360 -5.61 17.27 4.45
CA ILE A 360 -6.04 16.39 3.37
C ILE A 360 -7.46 15.94 3.73
N VAL A 361 -8.40 16.14 2.81
CA VAL A 361 -9.79 15.79 3.04
C VAL A 361 -10.14 14.53 2.24
N ILE A 362 -10.54 13.49 2.95
CA ILE A 362 -11.00 12.24 2.36
C ILE A 362 -12.51 12.37 2.17
N PRO A 363 -13.01 12.37 0.93
CA PRO A 363 -14.46 12.44 0.74
C PRO A 363 -15.16 11.25 1.39
N GLY A 364 -16.39 11.48 1.86
CA GLY A 364 -17.13 10.42 2.53
C GLY A 364 -17.25 9.15 1.72
N ASP A 365 -17.51 9.27 0.41
CA ASP A 365 -17.72 8.05 -0.36
C ASP A 365 -16.48 7.15 -0.36
N TYR A 366 -15.31 7.71 -0.12
CA TYR A 366 -14.10 6.89 -0.10
C TYR A 366 -14.09 5.93 1.08
N ILE A 367 -14.96 6.15 2.08
CA ILE A 367 -14.99 5.39 3.32
C ILE A 367 -16.03 4.29 3.27
N ASP A 368 -16.74 4.14 2.15
CA ASP A 368 -17.78 3.13 1.99
C ASP A 368 -17.19 1.92 1.25
N PHE A 369 -17.10 0.79 1.97
CA PHE A 369 -16.60 -0.45 1.40
C PHE A 369 -17.68 -1.47 1.11
N GLY A 370 -18.94 -1.03 1.05
CA GLY A 370 -19.99 -1.84 0.50
C GLY A 370 -20.51 -2.91 1.44
N PRO A 371 -21.46 -3.71 0.96
CA PRO A 371 -22.13 -4.68 1.82
C PRO A 371 -21.17 -5.66 2.49
N ILE A 372 -21.46 -5.98 3.76
CA ILE A 372 -20.58 -6.87 4.51
C ILE A 372 -20.58 -8.26 3.91
N SER A 373 -21.69 -8.66 3.29
CA SER A 373 -21.84 -9.90 2.57
C SER A 373 -22.82 -9.60 1.45
N THR A 374 -22.80 -10.41 0.39
CA THR A 374 -23.61 -10.10 -0.77
C THR A 374 -25.08 -9.98 -0.42
N GLY A 375 -25.69 -8.87 -0.82
CA GLY A 375 -27.09 -8.64 -0.59
C GLY A 375 -27.43 -8.00 0.74
N SER A 376 -26.46 -7.83 1.63
CA SER A 376 -26.71 -7.19 2.91
C SER A 376 -26.91 -5.70 2.75
N SER A 377 -27.71 -5.11 3.64
CA SER A 377 -27.82 -3.66 3.71
C SER A 377 -26.95 -3.05 4.81
N SER A 378 -26.09 -3.84 5.43
CA SER A 378 -25.05 -3.34 6.32
CA SER A 378 -25.05 -3.34 6.32
C SER A 378 -23.75 -3.28 5.53
N CYS A 379 -23.06 -2.15 5.63
CA CYS A 379 -21.88 -1.86 4.83
C CYS A 379 -20.66 -1.75 5.74
N PHE A 380 -19.50 -2.08 5.18
CA PHE A 380 -18.26 -2.10 5.95
C PHE A 380 -17.56 -0.74 5.87
N GLY A 381 -17.12 -0.24 7.02
CA GLY A 381 -16.49 1.06 7.05
C GLY A 381 -15.03 1.05 6.64
N GLY A 382 -14.60 2.18 6.06
CA GLY A 382 -13.25 2.35 5.60
C GLY A 382 -12.28 2.94 6.59
N ILE A 383 -12.79 3.38 7.74
CA ILE A 383 -12.01 3.86 8.88
C ILE A 383 -12.27 2.87 10.01
N GLN A 384 -11.20 2.28 10.55
CA GLN A 384 -11.31 1.26 11.56
C GLN A 384 -10.28 1.51 12.66
N SER A 385 -10.54 0.92 13.83
CA SER A 385 -9.62 1.09 14.94
C SER A 385 -8.31 0.35 14.75
N SER A 386 -7.22 1.01 15.12
CA SER A 386 -5.90 0.38 15.16
C SER A 386 -5.61 -0.30 16.49
N ALA A 387 -6.57 -0.31 17.41
N ALA A 387 -6.57 -0.29 17.42
CA ALA A 387 -6.37 -1.00 18.68
CA ALA A 387 -6.24 -0.64 18.81
C ALA A 387 -6.18 -2.49 18.42
C ALA A 387 -5.60 -2.02 18.90
N GLY A 388 -5.11 -3.04 18.97
N GLY A 388 -6.05 -2.98 18.10
CA GLY A 388 -4.73 -4.41 18.74
CA GLY A 388 -5.58 -4.34 18.15
C GLY A 388 -3.78 -4.59 17.58
C GLY A 388 -4.42 -4.67 17.26
N ILE A 389 -3.84 -3.71 16.57
N ILE A 389 -3.79 -3.69 16.61
CA ILE A 389 -2.82 -3.71 15.54
CA ILE A 389 -2.69 -3.96 15.69
C ILE A 389 -1.48 -3.28 16.14
C ILE A 389 -1.43 -3.19 16.05
N GLY A 390 -1.50 -2.23 16.96
CA GLY A 390 -0.30 -1.67 17.54
C GLY A 390 0.37 -0.60 16.72
N ILE A 391 -0.23 -0.21 15.61
CA ILE A 391 0.30 0.88 14.80
C ILE A 391 -0.87 1.48 14.04
N ASN A 392 -0.84 2.80 13.86
CA ASN A 392 -1.83 3.44 12.99
C ASN A 392 -1.35 3.35 11.55
N ILE A 393 -2.31 3.14 10.64
CA ILE A 393 -1.98 2.87 9.25
C ILE A 393 -2.78 3.80 8.35
N PHE A 394 -2.08 4.72 7.67
CA PHE A 394 -2.66 5.54 6.61
C PHE A 394 -2.60 4.71 5.32
N GLY A 395 -3.60 3.86 5.16
CA GLY A 395 -3.71 3.00 4.01
C GLY A 395 -4.36 3.71 2.84
N ASP A 396 -4.83 2.90 1.88
CA ASP A 396 -5.29 3.45 0.62
C ASP A 396 -6.43 4.45 0.78
N VAL A 397 -7.35 4.22 1.73
CA VAL A 397 -8.44 5.17 1.96
C VAL A 397 -7.91 6.59 2.14
N ALA A 398 -6.85 6.74 2.93
CA ALA A 398 -6.25 8.05 3.12
C ALA A 398 -5.37 8.46 1.94
N LEU A 399 -4.50 7.56 1.49
CA LEU A 399 -3.51 7.95 0.48
C LEU A 399 -4.17 8.33 -0.84
N LYS A 400 -5.28 7.68 -1.20
CA LYS A 400 -5.92 7.96 -2.49
CA LYS A 400 -5.87 7.98 -2.50
C LYS A 400 -6.54 9.34 -2.54
N ALA A 401 -6.72 10.01 -1.40
CA ALA A 401 -7.21 11.38 -1.36
C ALA A 401 -6.09 12.39 -1.60
N ALA A 402 -4.85 11.93 -1.78
CA ALA A 402 -3.70 12.81 -1.88
C ALA A 402 -2.78 12.37 -3.01
N PHE A 403 -1.91 13.31 -3.42
CA PHE A 403 -0.70 12.99 -4.17
C PHE A 403 0.41 12.87 -3.12
N VAL A 404 1.08 11.73 -3.08
CA VAL A 404 1.99 11.39 -1.98
C VAL A 404 3.39 11.19 -2.52
N VAL A 405 4.35 11.93 -1.96
CA VAL A 405 5.76 11.82 -2.31
C VAL A 405 6.48 11.01 -1.24
N PHE A 406 7.12 9.93 -1.65
CA PHE A 406 7.99 9.12 -0.81
C PHE A 406 9.41 9.54 -1.17
N ASN A 407 9.98 10.44 -0.37
CA ASN A 407 11.27 11.04 -0.66
C ASN A 407 12.35 10.21 0.03
N GLY A 408 13.12 9.48 -0.76
CA GLY A 408 14.15 8.59 -0.28
C GLY A 408 15.54 9.18 -0.29
N ALA A 409 15.64 10.48 -0.11
CA ALA A 409 16.92 11.14 0.07
C ALA A 409 17.58 10.64 1.36
N THR A 410 18.82 11.11 1.57
CA THR A 410 19.62 10.67 2.71
C THR A 410 18.83 10.71 4.00
N THR A 411 18.07 11.78 4.21
CA THR A 411 17.08 11.83 5.30
C THR A 411 15.71 11.75 4.65
N PRO A 412 15.05 10.60 4.69
CA PRO A 412 13.75 10.51 4.02
C PRO A 412 12.71 11.42 4.62
N THR A 413 11.77 11.85 3.77
CA THR A 413 10.59 12.60 4.19
C THR A 413 9.39 12.13 3.37
N LEU A 414 8.19 12.49 3.82
N LEU A 414 8.22 12.65 3.71
CA LEU A 414 6.97 12.28 3.06
CA LEU A 414 6.96 12.28 3.10
C LEU A 414 6.39 13.63 2.68
C LEU A 414 6.20 13.55 2.76
N GLY A 415 5.80 13.70 1.51
CA GLY A 415 5.05 14.87 1.07
C GLY A 415 3.62 14.50 0.73
N PHE A 416 2.70 15.40 1.06
CA PHE A 416 1.30 15.24 0.72
C PHE A 416 0.77 16.51 0.07
N ALA A 417 0.01 16.34 -1.01
CA ALA A 417 -0.73 17.43 -1.62
C ALA A 417 -2.16 16.97 -1.89
N SER A 418 -3.09 17.93 -1.82
CA SER A 418 -4.43 17.70 -2.31
C SER A 418 -4.41 17.55 -3.83
N LYS A 419 -5.48 16.95 -4.36
CA LYS A 419 -5.55 16.72 -5.79
C LYS A 419 -6.99 16.67 -6.24
N1 ZS1 B . -15.94 -7.04 5.04
N1 ZS1 B . -15.12 -7.23 6.19
C7 ZS1 B . -15.17 -5.78 3.25
C7 ZS1 B . -15.48 -6.13 4.17
N2 ZS1 B . -14.15 -6.82 6.45
N2 ZS1 B . -12.86 -6.96 6.34
C1 ZS1 B . -14.71 -6.59 5.34
C1 ZS1 B . -13.94 -6.77 5.74
C5 ZS1 B . -13.79 -4.44 1.87
C5 ZS1 B . -15.13 -4.85 2.20
C6 ZS1 B . -14.99 -5.10 2.06
C6 ZS1 B . -16.01 -5.54 3.03
C4 ZS1 B . -12.80 -4.45 2.85
C4 ZS1 B . -13.79 -4.76 2.51
C3 ZS1 B . -12.98 -5.13 4.04
C3 ZS1 B . -13.26 -5.35 3.66
C2 ZS1 B . -14.17 -5.79 4.23
C2 ZS1 B . -14.14 -6.04 4.48
N ZS1 B . -17.39 -6.87 3.21
N ZS1 B . -17.32 -7.30 5.36
C ZS1 B . -16.25 -6.60 3.82
C ZS1 B . -16.06 -6.93 5.27
H2 ZS1 B . -14.73 -7.23 7.02
H2 ZS1 B . -13.02 -7.42 7.14
H5 ZS1 B . -13.63 -3.97 1.06
H5 ZS1 B . -15.46 -4.44 1.43
H6 ZS1 B . -15.66 -5.10 1.39
H6 ZS1 B . -16.94 -5.60 2.82
H4 ZS1 B . -11.99 -3.99 2.69
H4 ZS1 B . -13.21 -4.28 1.93
H3 ZS1 B . -12.30 -5.14 4.70
H3 ZS1 B . -12.34 -5.29 3.87
H1 ZS1 B . -18.01 -7.40 3.62
H1 ZS1 B . -17.60 -7.79 6.08
H ZS1 B . -17.54 -6.53 2.37
H ZS1 B . -17.90 -7.06 4.70
N1 ZS1 C . -0.77 -4.80 4.88
C7 ZS1 C . -0.12 -5.78 2.88
N2 ZS1 C . -2.48 -6.22 5.44
C1 ZS1 C . -1.53 -5.89 4.69
C5 ZS1 C . 0.05 -7.28 1.07
C6 ZS1 C . 0.48 -6.11 1.69
C4 ZS1 C . -0.94 -8.07 1.63
C3 ZS1 C . -1.56 -7.72 2.83
C2 ZS1 C . -1.12 -6.57 3.45
N ZS1 C . 0.89 -3.66 3.70
C ZS1 C . 0.03 -4.66 3.84
H2 ZS1 C . -2.72 -5.51 5.99
H5 ZS1 C . 0.45 -7.54 0.25
H6 ZS1 C . 1.16 -5.58 1.31
H4 ZS1 C . -1.22 -8.86 1.18
H3 ZS1 C . -2.24 -8.25 3.20
H1 ZS1 C . 0.96 -3.03 4.35
H ZS1 C . 1.43 -3.63 2.95
N1 ZS1 D . -24.67 0.36 -0.77
C7 ZS1 D . -23.03 -0.52 -2.16
N2 ZS1 D . -23.52 2.09 0.17
C1 ZS1 D . -23.57 1.12 -0.63
C5 ZS1 D . -20.96 -0.85 -3.28
C6 ZS1 D . -22.27 -1.26 -3.05
C4 ZS1 D . -20.44 0.25 -2.63
C3 ZS1 D . -21.19 1.00 -1.73
C2 ZS1 D . -22.49 0.59 -1.51
N ZS1 D . -25.27 -1.56 -1.98
C ZS1 D . -24.41 -0.62 -1.65
H2 ZS1 D . -24.26 2.10 0.71
H5 ZS1 D . -20.43 -1.33 -3.88
H6 ZS1 D . -22.64 -2.02 -3.49
H4 ZS1 D . -19.55 0.51 -2.81
H3 ZS1 D . -20.83 1.74 -1.28
H1 ZS1 D . -26.10 -1.57 -1.61
H ZS1 D . -25.02 -2.21 -2.58
N1 ZS1 E . -23.87 -0.27 -5.93
C7 ZS1 E . -23.34 1.73 -4.87
N2 ZS1 E . -26.06 -0.46 -5.28
C1 ZS1 E . -24.96 0.15 -5.27
C5 ZS1 E . -23.49 3.67 -3.52
C6 ZS1 E . -22.73 2.85 -4.36
C4 ZS1 E . -24.79 3.35 -3.21
C3 ZS1 E . -25.41 2.20 -3.72
C2 ZS1 E . -24.65 1.40 -4.56
N ZS1 E . -21.70 0.54 -6.31
C ZS1 E . -22.91 0.64 -5.76
H2 ZS1 E . -26.70 0.01 -4.81
H5 ZS1 E . -23.10 4.44 -3.16
H6 ZS1 E . -21.84 3.07 -4.58
H4 ZS1 E . -25.29 3.92 -2.64
H3 ZS1 E . -26.30 1.99 -3.51
H1 ZS1 E . -21.50 -0.18 -6.84
H ZS1 E . -21.09 1.20 -6.16
N1 ZS1 F . 22.63 1.33 0.14
C7 ZS1 F . 24.51 0.88 -1.16
N2 ZS1 F . 22.90 3.54 0.48
C1 ZS1 F . 23.30 2.48 -0.04
C5 ZS1 F . 26.39 1.18 -2.56
C6 ZS1 F . 25.48 0.31 -1.97
C4 ZS1 F . 26.33 2.56 -2.35
C3 ZS1 F . 25.35 3.12 -1.53
C2 ZS1 F . 24.44 2.26 -0.94
C ZS1 F . 23.40 0.35 -0.34
H2 ZS1 F . 22.14 3.39 0.99
H5 ZS1 F . 27.07 0.83 -3.12
H6 ZS1 F . 25.52 -0.61 -2.11
H4 ZS1 F . 26.96 3.11 -2.77
H3 ZS1 F . 25.31 4.04 -1.39
N1 ZS1 G . 29.22 -15.58 -12.08
C7 ZS1 G . 28.07 -17.50 -12.72
N2 ZS1 G . 31.23 -16.01 -13.07
C1 ZS1 G . 30.05 -16.34 -12.82
C5 ZS1 G . 27.55 -19.59 -13.71
C6 ZS1 G . 27.15 -18.50 -12.93
C4 ZS1 G . 28.83 -19.66 -14.24
C3 ZS1 G . 29.75 -18.64 -14.02
C2 ZS1 G . 29.35 -17.56 -13.25
C ZS1 G . 28.04 -16.22 -11.98
H2 ZS1 G . 31.44 -15.21 -12.69
H5 ZS1 G . 26.94 -20.29 -13.87
H6 ZS1 G . 26.27 -18.45 -12.57
H4 ZS1 G . 29.07 -20.40 -14.76
H3 ZS1 G . 30.61 -18.68 -14.39
N1 ZS1 H . 23.34 3.99 -3.99
C7 ZS1 H . 22.55 1.79 -3.97
N2 ZS1 H . 25.09 3.77 -5.38
C1 ZS1 H . 24.14 3.25 -4.76
C5 ZS1 H . 22.30 -0.51 -4.43
C6 ZS1 H . 21.85 0.62 -3.77
C4 ZS1 H . 23.42 -0.47 -5.25
C3 ZS1 H . 24.13 0.73 -5.45
C2 ZS1 H . 23.67 1.84 -4.79
C ZS1 H . 22.42 3.17 -3.47
H2 ZS1 H . 25.04 4.69 -5.34
H5 ZS1 H . 21.85 -1.33 -4.32
H6 ZS1 H . 21.08 0.59 -3.21
H4 ZS1 H . 23.72 -1.25 -5.69
H3 ZS1 H . 24.88 0.76 -6.00
S DMS I . 1.09 -2.73 8.11
O DMS I . 0.22 -3.77 7.48
C1 DMS I . 2.71 -2.89 7.32
C2 DMS I . 1.54 -3.36 9.75
H11 DMS I . 3.46 -2.52 7.98
H12 DMS I . 2.73 -2.31 6.43
H13 DMS I . 2.90 -3.90 7.09
H21 DMS I . 0.73 -3.19 10.43
H22 DMS I . 1.73 -4.40 9.69
H23 DMS I . 2.40 -2.85 10.10
S DMS J . -5.36 -5.61 3.57
O DMS J . -5.37 -4.20 3.99
C1 DMS J . -4.86 -5.55 1.83
C2 DMS J . -7.06 -6.19 3.36
H11 DMS J . -4.03 -6.19 1.68
H12 DMS J . -4.59 -4.56 1.58
H13 DMS J . -5.66 -5.87 1.22
H21 DMS J . -7.05 -7.19 2.99
H22 DMS J . -7.56 -6.16 4.29
H23 DMS J . -7.57 -5.57 2.66
#